data_1BCO
#
_entry.id   1BCO
#
_cell.length_a   55.750
_cell.length_b   81.080
_cell.length_c   161.280
_cell.angle_alpha   90.00
_cell.angle_beta   90.00
_cell.angle_gamma   90.00
#
_symmetry.space_group_name_H-M   'C 2 2 21'
#
loop_
_entity.id
_entity.type
_entity.pdbx_description
1 polymer 'BACTERIOPHAGE MU TRANSPOSASE'
2 water water
#
_entity_poly.entity_id   1
_entity_poly.type   'polypeptide(L)'
_entity_poly.pdbx_seq_one_letter_code
;HLIPAQQRTVEHLDAMQWINGDGYLHNVFVRWFNGDVIRPKTWFWQDVKTRKILGWRCDVSENIDSIRLSFMDVVTRYGI
PEDFHITIDNTRGAANKWLTGGAPNRYRFKVKEDDPKGLFLLMGAKMHWTSVVAGKGWGQAKPVERAFGVGGLEEYVDKH
PALAGAYTGPNPQAKPDNYGDRAVDAELFLKTLAEGVAMFNARTGRETEMCGGKLSFDDVFEREYARTIVRKPTEEQKRM
LLLPAEAVNVSRKGEFTLKVGGSLKGAKNVYYNMALMNAGVKKVVVRFDPQQLHSTVYCYTLDGRFICEAECLAPVAFND
AAAGREY
;
_entity_poly.pdbx_strand_id   A
#
# COMPACT_ATOMS: atom_id res chain seq x y z
N GLU A 11 15.08 -15.45 -20.38
CA GLU A 11 14.64 -16.27 -19.27
C GLU A 11 13.11 -16.36 -19.12
N HIS A 12 12.65 -17.32 -18.32
CA HIS A 12 11.23 -17.53 -18.05
C HIS A 12 10.87 -16.63 -16.89
N LEU A 13 9.60 -16.23 -16.81
CA LEU A 13 9.09 -15.35 -15.77
C LEU A 13 7.91 -15.96 -15.03
N ASP A 14 7.99 -16.04 -13.71
CA ASP A 14 6.89 -16.58 -12.93
C ASP A 14 5.96 -15.49 -12.47
N ALA A 15 4.79 -15.90 -11.98
CA ALA A 15 3.81 -14.96 -11.48
C ALA A 15 4.39 -14.55 -10.16
N MET A 16 4.34 -13.26 -9.86
CA MET A 16 4.87 -12.67 -8.62
C MET A 16 6.39 -12.47 -8.57
N GLN A 17 7.11 -13.00 -9.56
CA GLN A 17 8.57 -12.87 -9.63
C GLN A 17 9.02 -11.46 -9.90
N TRP A 18 8.22 -10.73 -10.67
CA TRP A 18 8.55 -9.35 -10.99
C TRP A 18 7.29 -8.49 -10.85
N ILE A 19 7.31 -7.55 -9.92
CA ILE A 19 6.13 -6.67 -9.73
C ILE A 19 6.53 -5.22 -9.97
N ASN A 20 5.62 -4.48 -10.58
CA ASN A 20 5.82 -3.07 -10.95
C ASN A 20 5.01 -2.12 -10.03
N GLY A 21 5.64 -1.06 -9.53
CA GLY A 21 4.95 -0.11 -8.69
C GLY A 21 4.64 1.14 -9.51
N ASP A 22 3.39 1.56 -9.52
CA ASP A 22 3.03 2.73 -10.31
C ASP A 22 2.04 3.59 -9.52
N GLY A 23 2.02 4.90 -9.79
CA GLY A 23 1.15 5.80 -9.06
C GLY A 23 0.05 6.40 -9.91
N TYR A 24 -0.98 6.95 -9.27
CA TYR A 24 -2.08 7.52 -10.02
C TYR A 24 -2.69 8.70 -9.28
N LEU A 25 -2.73 9.85 -9.92
CA LEU A 25 -3.33 11.02 -9.32
C LEU A 25 -4.75 11.05 -9.85
N HIS A 26 -5.73 10.95 -8.95
CA HIS A 26 -7.13 10.91 -9.34
C HIS A 26 -7.72 12.26 -9.69
N ASN A 27 -8.58 12.31 -10.71
CA ASN A 27 -9.22 13.58 -11.12
C ASN A 27 -10.61 13.66 -10.55
N VAL A 28 -10.71 13.43 -9.26
CA VAL A 28 -12.00 13.41 -8.58
C VAL A 28 -11.79 14.10 -7.26
N PHE A 29 -12.73 14.96 -6.89
CA PHE A 29 -12.63 15.65 -5.61
C PHE A 29 -13.35 14.83 -4.60
N VAL A 30 -12.64 14.50 -3.52
CA VAL A 30 -13.12 13.65 -2.45
C VAL A 30 -13.04 14.32 -1.08
N ARG A 31 -14.08 14.14 -0.27
CA ARG A 31 -14.05 14.69 1.07
C ARG A 31 -13.43 13.57 1.90
N TRP A 32 -12.20 13.78 2.35
CA TRP A 32 -11.46 12.79 3.11
C TRP A 32 -12.00 12.64 4.53
N PHE A 33 -11.45 11.69 5.27
CA PHE A 33 -11.83 11.39 6.65
C PHE A 33 -11.66 12.57 7.63
N ASN A 34 -10.75 13.50 7.31
CA ASN A 34 -10.51 14.66 8.16
C ASN A 34 -11.35 15.87 7.72
N GLY A 35 -12.25 15.64 6.77
CA GLY A 35 -13.13 16.71 6.32
C GLY A 35 -12.66 17.51 5.13
N ASP A 36 -11.35 17.46 4.83
CA ASP A 36 -10.80 18.21 3.71
C ASP A 36 -11.22 17.64 2.37
N VAL A 37 -11.43 18.51 1.40
CA VAL A 37 -11.78 18.09 0.06
C VAL A 37 -10.46 18.06 -0.71
N ILE A 38 -10.02 16.87 -1.12
CA ILE A 38 -8.76 16.73 -1.84
C ILE A 38 -8.90 15.81 -3.05
N ARG A 39 -7.83 15.71 -3.85
CA ARG A 39 -7.78 14.80 -4.98
C ARG A 39 -6.86 13.68 -4.52
N PRO A 40 -7.40 12.48 -4.32
CA PRO A 40 -6.57 11.35 -3.85
C PRO A 40 -5.52 10.85 -4.82
N LYS A 41 -4.47 10.25 -4.26
CA LYS A 41 -3.37 9.69 -5.03
C LYS A 41 -3.23 8.25 -4.62
N THR A 42 -3.20 7.33 -5.57
CA THR A 42 -3.11 5.91 -5.25
C THR A 42 -1.85 5.23 -5.82
N TRP A 43 -1.24 4.36 -5.02
CA TRP A 43 -0.07 3.61 -5.45
C TRP A 43 -0.53 2.19 -5.64
N PHE A 44 -0.13 1.59 -6.77
CA PHE A 44 -0.52 0.24 -7.10
C PHE A 44 0.66 -0.68 -7.35
N TRP A 45 0.55 -1.94 -6.94
CA TRP A 45 1.56 -2.92 -7.25
C TRP A 45 0.90 -3.86 -8.26
N GLN A 46 1.56 -4.05 -9.40
CA GLN A 46 1.03 -4.93 -10.46
C GLN A 46 1.97 -6.04 -10.84
N ASP A 47 1.42 -7.23 -11.00
CA ASP A 47 2.24 -8.35 -11.42
C ASP A 47 2.54 -8.16 -12.91
N VAL A 48 3.82 -8.14 -13.25
CA VAL A 48 4.27 -7.93 -14.63
C VAL A 48 3.87 -9.03 -15.62
N LYS A 49 3.98 -10.28 -15.20
CA LYS A 49 3.63 -11.37 -16.09
C LYS A 49 2.13 -11.43 -16.49
N THR A 50 1.24 -11.41 -15.50
CA THR A 50 -0.18 -11.53 -15.74
C THR A 50 -0.95 -10.22 -15.84
N ARG A 51 -0.36 -9.15 -15.34
CA ARG A 51 -0.96 -7.82 -15.34
C ARG A 51 -2.04 -7.61 -14.28
N LYS A 52 -2.16 -8.57 -13.39
CA LYS A 52 -3.11 -8.48 -12.30
C LYS A 52 -2.66 -7.44 -11.25
N ILE A 53 -3.57 -6.56 -10.83
CA ILE A 53 -3.23 -5.59 -9.78
C ILE A 53 -3.32 -6.35 -8.46
N LEU A 54 -2.23 -6.38 -7.73
CA LEU A 54 -2.18 -7.14 -6.49
C LEU A 54 -2.46 -6.37 -5.19
N GLY A 55 -2.27 -5.06 -5.21
CA GLY A 55 -2.50 -4.28 -4.01
C GLY A 55 -2.35 -2.78 -4.25
N TRP A 56 -2.97 -1.99 -3.38
CA TRP A 56 -2.93 -0.55 -3.47
C TRP A 56 -3.23 0.13 -2.11
N ARG A 57 -2.88 1.40 -2.01
CA ARG A 57 -3.17 2.25 -0.86
C ARG A 57 -3.36 3.63 -1.47
N CYS A 58 -4.43 4.29 -1.05
CA CYS A 58 -4.81 5.61 -1.53
C CYS A 58 -4.66 6.61 -0.38
N ASP A 59 -4.29 7.85 -0.69
CA ASP A 59 -4.10 8.84 0.38
C ASP A 59 -4.24 10.27 -0.15
N VAL A 60 -4.15 11.26 0.75
CA VAL A 60 -4.28 12.66 0.37
C VAL A 60 -3.13 13.20 -0.48
N SER A 61 -1.98 12.54 -0.44
CA SER A 61 -0.84 12.98 -1.23
C SER A 61 0.11 11.85 -1.57
N GLU A 62 1.07 12.14 -2.44
CA GLU A 62 2.04 11.14 -2.86
C GLU A 62 3.09 11.01 -1.79
N ASN A 63 3.30 9.80 -1.28
CA ASN A 63 4.31 9.62 -0.25
C ASN A 63 4.72 8.19 -0.09
N ILE A 64 5.89 7.99 0.50
CA ILE A 64 6.41 6.68 0.73
C ILE A 64 5.48 5.73 1.50
N ASP A 65 4.65 6.27 2.39
CA ASP A 65 3.75 5.43 3.18
C ASP A 65 2.91 4.49 2.33
N SER A 66 2.38 5.00 1.21
CA SER A 66 1.53 4.20 0.33
C SER A 66 2.29 3.09 -0.38
N ILE A 67 3.55 3.37 -0.70
CA ILE A 67 4.40 2.40 -1.38
C ILE A 67 4.63 1.23 -0.46
N ARG A 68 5.10 1.59 0.71
CA ARG A 68 5.40 0.70 1.79
C ARG A 68 4.19 -0.13 2.26
N LEU A 69 3.05 0.50 2.48
CA LEU A 69 1.90 -0.27 2.98
C LEU A 69 1.21 -1.14 1.94
N SER A 70 1.18 -0.72 0.68
CA SER A 70 0.56 -1.54 -0.38
C SER A 70 1.40 -2.79 -0.61
N PHE A 71 2.71 -2.64 -0.45
CA PHE A 71 3.65 -3.76 -0.60
C PHE A 71 3.36 -4.75 0.51
N MET A 72 3.18 -4.23 1.72
CA MET A 72 2.88 -5.08 2.86
C MET A 72 1.62 -5.89 2.53
N ASP A 73 0.61 -5.24 1.94
CA ASP A 73 -0.61 -5.95 1.58
C ASP A 73 -0.34 -7.09 0.59
N VAL A 74 0.55 -6.84 -0.36
CA VAL A 74 0.87 -7.83 -1.37
C VAL A 74 1.59 -9.04 -0.81
N VAL A 75 2.61 -8.85 0.04
CA VAL A 75 3.33 -10.00 0.59
C VAL A 75 2.57 -10.76 1.67
N THR A 76 1.64 -10.08 2.35
CA THR A 76 0.84 -10.72 3.38
C THR A 76 -0.18 -11.63 2.68
N ARG A 77 -0.72 -11.14 1.55
CA ARG A 77 -1.73 -11.85 0.78
C ARG A 77 -1.19 -12.96 -0.11
N TYR A 78 -0.07 -12.71 -0.80
CA TYR A 78 0.47 -13.72 -1.70
C TYR A 78 1.77 -14.37 -1.29
N GLY A 79 2.46 -13.81 -0.31
CA GLY A 79 3.71 -14.40 0.12
C GLY A 79 4.86 -13.82 -0.67
N ILE A 80 6.07 -14.23 -0.33
CA ILE A 80 7.29 -13.76 -0.96
C ILE A 80 7.97 -14.81 -1.85
N PRO A 81 8.05 -14.56 -3.16
CA PRO A 81 8.71 -15.56 -3.99
C PRO A 81 10.20 -15.58 -3.71
N GLU A 82 10.85 -16.69 -4.04
CA GLU A 82 12.28 -16.82 -3.79
C GLU A 82 13.19 -15.95 -4.64
N ASP A 83 12.74 -15.58 -5.82
CA ASP A 83 13.51 -14.68 -6.70
C ASP A 83 12.46 -13.61 -6.86
N PHE A 84 12.68 -12.47 -6.21
CA PHE A 84 11.72 -11.36 -6.19
C PHE A 84 12.30 -10.09 -6.77
N HIS A 85 11.69 -9.54 -7.81
CA HIS A 85 12.16 -8.31 -8.43
C HIS A 85 11.10 -7.26 -8.33
N ILE A 86 11.51 -6.07 -7.94
CA ILE A 86 10.59 -4.97 -7.77
C ILE A 86 11.07 -3.78 -8.56
N THR A 87 10.15 -3.18 -9.27
CA THR A 87 10.50 -2.05 -10.10
C THR A 87 9.68 -0.80 -9.85
N ILE A 88 10.40 0.31 -9.67
CA ILE A 88 9.77 1.62 -9.52
C ILE A 88 10.55 2.46 -10.55
N ASP A 89 10.03 2.50 -11.76
CA ASP A 89 10.64 3.21 -12.85
C ASP A 89 10.65 4.71 -12.66
N ASN A 90 11.79 5.21 -12.22
CA ASN A 90 11.95 6.65 -12.01
C ASN A 90 12.86 7.26 -13.08
N THR A 91 12.80 6.70 -14.27
CA THR A 91 13.56 7.15 -15.43
C THR A 91 13.34 8.63 -15.71
N ARG A 92 12.08 9.02 -15.84
CA ARG A 92 11.80 10.42 -16.12
C ARG A 92 11.35 11.11 -14.85
N GLY A 93 11.88 10.68 -13.71
CA GLY A 93 11.53 11.30 -12.44
C GLY A 93 10.06 11.26 -12.12
N ALA A 94 9.35 10.25 -12.59
CA ALA A 94 7.91 10.12 -12.34
C ALA A 94 7.52 9.69 -10.93
N ALA A 95 8.40 8.98 -10.22
CA ALA A 95 8.08 8.54 -8.87
C ALA A 95 8.65 9.49 -7.80
N ASN A 96 9.25 10.58 -8.27
CA ASN A 96 9.87 11.57 -7.39
C ASN A 96 9.06 12.04 -6.20
N LYS A 97 7.82 12.47 -6.40
CA LYS A 97 7.03 12.92 -5.26
C LYS A 97 6.65 11.75 -4.36
N TRP A 98 6.61 10.55 -4.92
CA TRP A 98 6.25 9.38 -4.15
C TRP A 98 7.38 8.90 -3.31
N LEU A 99 8.60 9.21 -3.74
CA LEU A 99 9.77 8.78 -3.02
C LEU A 99 10.18 9.82 -2.00
N THR A 100 9.20 10.37 -1.31
CA THR A 100 9.46 11.39 -0.33
C THR A 100 8.68 11.14 0.94
N GLY A 101 9.39 11.08 2.06
CA GLY A 101 8.73 10.89 3.32
C GLY A 101 7.93 12.16 3.53
N GLY A 102 6.70 12.04 4.03
CA GLY A 102 5.87 13.22 4.26
C GLY A 102 6.26 14.00 5.51
N ALA A 103 5.48 15.01 5.87
CA ALA A 103 5.79 15.77 7.07
C ALA A 103 5.81 14.74 8.18
N PRO A 104 6.76 14.86 9.10
CA PRO A 104 6.83 13.88 10.19
C PRO A 104 5.61 13.87 11.09
N ASN A 105 4.74 14.86 10.94
CA ASN A 105 3.56 14.93 11.77
C ASN A 105 2.29 14.88 10.94
N ARG A 106 2.35 14.21 9.80
CA ARG A 106 1.21 14.08 8.91
C ARG A 106 0.00 13.35 9.51
N TYR A 107 0.18 12.64 10.63
CA TYR A 107 -0.91 11.93 11.29
C TYR A 107 -1.10 12.55 12.69
N ARG A 108 -0.58 13.77 12.82
CA ARG A 108 -0.57 14.59 14.04
C ARG A 108 0.55 14.09 14.94
N PHE A 109 0.39 12.91 15.53
CA PHE A 109 1.44 12.37 16.38
C PHE A 109 2.70 12.16 15.51
N LYS A 110 3.89 12.35 16.08
CA LYS A 110 5.14 12.22 15.31
C LYS A 110 5.52 10.79 14.96
N VAL A 111 5.95 10.60 13.72
CA VAL A 111 6.37 9.30 13.20
C VAL A 111 7.90 9.24 13.10
N LYS A 112 8.51 8.17 13.61
CA LYS A 112 9.95 8.00 13.55
C LYS A 112 10.44 7.82 12.13
N GLU A 113 11.57 8.47 11.84
CA GLU A 113 12.22 8.40 10.54
C GLU A 113 12.97 7.08 10.47
N ASP A 114 12.72 6.31 9.42
CA ASP A 114 13.39 5.05 9.26
C ASP A 114 13.78 4.92 7.79
N ASP A 115 13.97 3.69 7.32
CA ASP A 115 14.33 3.50 5.93
C ASP A 115 13.63 2.30 5.30
N PRO A 116 12.59 2.57 4.49
CA PRO A 116 11.83 1.53 3.80
C PRO A 116 12.72 0.74 2.85
N LYS A 117 13.62 1.45 2.17
CA LYS A 117 14.53 0.81 1.22
C LYS A 117 15.18 -0.39 1.89
N GLY A 118 15.76 -0.14 3.07
CA GLY A 118 16.41 -1.20 3.80
C GLY A 118 15.44 -2.35 4.01
N LEU A 119 14.19 -2.01 4.35
CA LEU A 119 13.13 -2.99 4.61
C LEU A 119 12.79 -3.94 3.44
N PHE A 120 12.72 -3.40 2.22
CA PHE A 120 12.42 -4.20 1.03
C PHE A 120 13.54 -5.20 0.78
N LEU A 121 14.77 -4.71 0.82
CA LEU A 121 15.95 -5.55 0.60
C LEU A 121 16.01 -6.68 1.61
N LEU A 122 15.55 -6.39 2.83
CA LEU A 122 15.53 -7.40 3.85
C LEU A 122 14.48 -8.44 3.53
N MET A 123 13.37 -8.02 2.92
CA MET A 123 12.31 -8.95 2.53
C MET A 123 12.82 -9.94 1.50
N GLY A 124 13.95 -9.62 0.87
CA GLY A 124 14.49 -10.49 -0.16
C GLY A 124 14.01 -10.00 -1.52
N ALA A 125 13.97 -8.69 -1.67
CA ALA A 125 13.54 -8.07 -2.90
C ALA A 125 14.71 -7.34 -3.56
N LYS A 126 14.89 -7.59 -4.86
CA LYS A 126 15.93 -6.94 -5.63
C LYS A 126 15.20 -5.75 -6.24
N MET A 127 15.58 -4.56 -5.81
CA MET A 127 14.96 -3.33 -6.28
C MET A 127 15.53 -2.83 -7.60
N HIS A 128 14.67 -2.28 -8.45
CA HIS A 128 15.09 -1.78 -9.76
C HIS A 128 14.48 -0.41 -9.98
N TRP A 129 15.21 0.48 -10.60
CA TRP A 129 14.72 1.83 -10.84
C TRP A 129 14.54 2.17 -12.31
N THR A 130 14.59 1.15 -13.16
CA THR A 130 14.42 1.35 -14.60
C THR A 130 13.25 0.52 -15.12
N SER A 131 13.06 0.58 -16.43
CA SER A 131 11.99 -0.15 -17.08
C SER A 131 12.29 -1.62 -17.34
N VAL A 132 13.50 -2.06 -17.02
CA VAL A 132 13.86 -3.45 -17.27
C VAL A 132 14.70 -4.08 -16.16
N VAL A 133 14.80 -5.40 -16.17
CA VAL A 133 15.60 -6.14 -15.19
C VAL A 133 16.89 -6.62 -15.88
N ALA A 134 18.04 -6.13 -15.44
CA ALA A 134 19.32 -6.53 -16.04
C ALA A 134 19.62 -8.04 -16.01
N GLY A 135 20.04 -8.56 -17.16
CA GLY A 135 20.40 -9.95 -17.26
C GLY A 135 19.26 -10.90 -17.56
N LYS A 136 18.07 -10.36 -17.71
CA LYS A 136 16.90 -11.19 -18.01
C LYS A 136 16.16 -10.57 -19.17
N GLY A 137 15.67 -11.41 -20.07
CA GLY A 137 14.95 -10.91 -21.23
C GLY A 137 13.48 -11.01 -20.93
N TRP A 138 13.05 -10.33 -19.88
CA TRP A 138 11.67 -10.36 -19.43
C TRP A 138 10.85 -9.26 -20.03
N GLY A 139 11.48 -8.33 -20.72
CA GLY A 139 10.71 -7.23 -21.30
C GLY A 139 10.64 -6.04 -20.38
N GLN A 140 9.57 -5.26 -20.50
CA GLN A 140 9.41 -4.06 -19.67
C GLN A 140 8.36 -4.15 -18.61
N ALA A 141 8.54 -3.31 -17.59
CA ALA A 141 7.63 -3.22 -16.45
C ALA A 141 6.23 -2.72 -16.82
N LYS A 142 6.17 -1.60 -17.54
CA LYS A 142 4.89 -1.02 -17.94
C LYS A 142 4.48 -1.59 -19.28
N PRO A 143 3.18 -1.94 -19.43
CA PRO A 143 2.73 -2.51 -20.71
C PRO A 143 2.62 -1.39 -21.74
N VAL A 144 2.78 -1.73 -23.01
CA VAL A 144 2.67 -0.72 -24.05
C VAL A 144 1.21 -0.31 -24.22
N GLU A 145 0.32 -1.22 -23.83
CA GLU A 145 -1.10 -0.98 -23.91
C GLU A 145 -1.56 -0.31 -22.60
N ARG A 146 -1.86 0.99 -22.68
CA ARG A 146 -2.30 1.79 -21.53
C ARG A 146 -3.38 1.09 -20.73
N ALA A 147 -4.26 0.39 -21.43
CA ALA A 147 -5.35 -0.31 -20.79
C ALA A 147 -4.93 -1.44 -19.87
N PHE A 148 -3.75 -2.00 -20.07
CA PHE A 148 -3.30 -3.10 -19.23
C PHE A 148 -2.59 -2.62 -17.99
N GLY A 149 -2.42 -1.32 -17.91
CA GLY A 149 -1.76 -0.75 -16.76
C GLY A 149 -2.73 0.04 -15.91
N VAL A 150 -2.15 0.78 -14.98
CA VAL A 150 -2.89 1.61 -14.05
C VAL A 150 -3.84 2.58 -14.75
N GLY A 151 -3.44 3.13 -15.88
CA GLY A 151 -4.30 4.07 -16.60
C GLY A 151 -5.63 3.45 -17.02
N GLY A 152 -5.65 2.13 -17.22
CA GLY A 152 -6.86 1.46 -17.65
C GLY A 152 -7.97 1.46 -16.60
N LEU A 153 -7.60 1.84 -15.38
CA LEU A 153 -8.54 1.90 -14.28
C LEU A 153 -9.39 3.16 -14.28
N GLU A 154 -9.02 4.20 -15.04
CA GLU A 154 -9.80 5.44 -15.05
C GLU A 154 -11.24 5.22 -15.52
N GLU A 155 -11.46 4.19 -16.32
CA GLU A 155 -12.78 3.83 -16.85
C GLU A 155 -13.68 3.27 -15.76
N TYR A 156 -13.05 2.48 -14.90
CA TYR A 156 -13.72 1.82 -13.81
C TYR A 156 -13.86 2.69 -12.57
N VAL A 157 -12.91 3.61 -12.36
CA VAL A 157 -12.95 4.46 -11.18
C VAL A 157 -13.35 5.90 -11.45
N ASP A 158 -12.39 6.73 -11.85
CA ASP A 158 -12.62 8.16 -12.12
C ASP A 158 -13.82 8.50 -12.97
N LYS A 159 -14.14 7.63 -13.92
CA LYS A 159 -15.25 7.87 -14.83
C LYS A 159 -16.49 7.04 -14.53
N HIS A 160 -16.52 6.42 -13.37
CA HIS A 160 -17.67 5.63 -12.97
C HIS A 160 -18.81 6.60 -12.80
N PRO A 161 -20.02 6.25 -13.29
CA PRO A 161 -21.20 7.11 -13.20
C PRO A 161 -21.41 7.70 -11.81
N ALA A 162 -21.15 6.92 -10.77
CA ALA A 162 -21.37 7.37 -9.41
C ALA A 162 -20.50 8.53 -8.95
N LEU A 163 -19.33 8.71 -9.55
CA LEU A 163 -18.45 9.82 -9.14
C LEU A 163 -18.50 10.97 -10.13
N ALA A 164 -19.34 10.85 -11.14
CA ALA A 164 -19.43 11.86 -12.20
C ALA A 164 -19.64 13.29 -11.71
N GLY A 165 -20.26 13.43 -10.55
CA GLY A 165 -20.52 14.75 -10.02
C GLY A 165 -19.25 15.37 -9.47
N ALA A 166 -18.31 14.53 -9.06
CA ALA A 166 -17.06 15.01 -8.50
C ALA A 166 -15.89 14.93 -9.46
N TYR A 167 -16.08 14.29 -10.61
CA TYR A 167 -15.04 14.13 -11.62
C TYR A 167 -14.67 15.49 -12.18
N THR A 168 -13.39 15.78 -12.28
CA THR A 168 -12.94 17.06 -12.81
C THR A 168 -12.33 16.93 -14.20
N GLY A 169 -11.77 15.77 -14.46
CA GLY A 169 -11.13 15.54 -15.73
C GLY A 169 -9.68 15.94 -15.57
N PRO A 170 -8.83 15.55 -16.53
CA PRO A 170 -7.39 15.84 -16.54
C PRO A 170 -7.09 17.33 -16.52
N TYR A 179 -14.72 22.62 -4.54
CA TYR A 179 -15.77 21.71 -5.01
C TYR A 179 -16.46 21.06 -3.81
N GLY A 180 -16.51 21.81 -2.71
CA GLY A 180 -17.11 21.35 -1.47
C GLY A 180 -18.52 20.80 -1.55
N ASP A 181 -19.28 21.22 -2.55
CA ASP A 181 -20.64 20.71 -2.67
C ASP A 181 -20.68 19.41 -3.49
N ARG A 182 -19.80 19.33 -4.48
CA ARG A 182 -19.72 18.17 -5.36
C ARG A 182 -18.91 17.01 -4.79
N ALA A 183 -17.90 17.33 -3.98
CA ALA A 183 -17.03 16.33 -3.41
C ALA A 183 -17.78 15.09 -2.90
N VAL A 184 -17.36 13.90 -3.33
CA VAL A 184 -17.96 12.64 -2.89
C VAL A 184 -17.22 12.20 -1.64
N ASP A 185 -17.88 11.38 -0.84
CA ASP A 185 -17.31 10.91 0.40
C ASP A 185 -16.16 9.96 0.18
N ALA A 186 -15.18 9.99 1.09
CA ALA A 186 -14.01 9.12 1.02
C ALA A 186 -14.44 7.64 0.97
N GLU A 187 -15.44 7.29 1.78
CA GLU A 187 -15.92 5.92 1.82
C GLU A 187 -16.51 5.42 0.49
N LEU A 188 -17.21 6.30 -0.24
CA LEU A 188 -17.79 5.94 -1.53
C LEU A 188 -16.70 5.81 -2.60
N PHE A 189 -15.74 6.74 -2.60
CA PHE A 189 -14.64 6.73 -3.53
C PHE A 189 -13.84 5.45 -3.36
N LEU A 190 -13.48 5.16 -2.12
CA LEU A 190 -12.71 3.98 -1.80
C LEU A 190 -13.43 2.67 -2.11
N LYS A 191 -14.75 2.65 -2.07
CA LYS A 191 -15.49 1.45 -2.40
C LYS A 191 -15.44 1.29 -3.94
N THR A 192 -15.65 2.40 -4.64
CA THR A 192 -15.62 2.43 -6.10
C THR A 192 -14.25 2.05 -6.66
N LEU A 193 -13.18 2.45 -5.98
CA LEU A 193 -11.81 2.13 -6.36
C LEU A 193 -11.60 0.60 -6.21
N ALA A 194 -11.99 0.07 -5.06
CA ALA A 194 -11.83 -1.34 -4.82
C ALA A 194 -12.62 -2.19 -5.84
N GLU A 195 -13.82 -1.75 -6.20
CA GLU A 195 -14.63 -2.49 -7.18
C GLU A 195 -14.07 -2.35 -8.59
N GLY A 196 -13.53 -1.17 -8.91
CA GLY A 196 -12.92 -0.95 -10.21
C GLY A 196 -11.71 -1.85 -10.39
N VAL A 197 -10.95 -2.06 -9.32
CA VAL A 197 -9.79 -2.92 -9.39
C VAL A 197 -10.25 -4.35 -9.60
N ALA A 198 -11.28 -4.76 -8.85
CA ALA A 198 -11.80 -6.10 -8.99
C ALA A 198 -12.28 -6.40 -10.42
N MET A 199 -12.98 -5.43 -11.03
CA MET A 199 -13.51 -5.55 -12.38
C MET A 199 -12.42 -5.51 -13.43
N PHE A 200 -11.37 -4.76 -13.16
CA PHE A 200 -10.24 -4.66 -14.07
C PHE A 200 -9.58 -6.03 -14.15
N ASN A 201 -9.41 -6.69 -13.01
CA ASN A 201 -8.77 -8.00 -12.96
C ASN A 201 -9.61 -9.12 -13.56
N ALA A 202 -10.92 -9.09 -13.29
CA ALA A 202 -11.84 -10.11 -13.76
C ALA A 202 -12.29 -10.01 -15.21
N ARG A 203 -12.05 -8.88 -15.86
CA ARG A 203 -12.47 -8.68 -17.25
C ARG A 203 -11.80 -9.67 -18.22
N THR A 204 -12.62 -10.50 -18.86
CA THR A 204 -12.13 -11.50 -19.79
C THR A 204 -11.92 -10.92 -21.17
N GLY A 205 -11.34 -11.71 -22.07
CA GLY A 205 -11.09 -11.25 -23.43
C GLY A 205 -9.84 -10.42 -23.56
N ARG A 206 -8.91 -10.57 -22.60
CA ARG A 206 -7.65 -9.83 -22.60
C ARG A 206 -6.73 -10.25 -23.74
N GLU A 207 -6.27 -9.27 -24.51
CA GLU A 207 -5.40 -9.52 -25.65
C GLU A 207 -3.92 -9.51 -25.26
N THR A 208 -3.48 -10.54 -24.57
CA THR A 208 -2.08 -10.65 -24.17
C THR A 208 -1.73 -12.11 -24.44
N GLU A 209 -0.43 -12.43 -24.45
CA GLU A 209 -0.02 -13.79 -24.70
C GLU A 209 -0.60 -14.80 -23.70
N MET A 210 -0.50 -14.48 -22.41
CA MET A 210 -1.00 -15.35 -21.34
C MET A 210 -2.51 -15.65 -21.41
N CYS A 211 -3.28 -14.63 -21.74
CA CYS A 211 -4.74 -14.71 -21.82
C CYS A 211 -5.29 -15.15 -23.19
N GLY A 212 -4.49 -14.96 -24.23
CA GLY A 212 -4.88 -15.34 -25.57
C GLY A 212 -6.21 -14.80 -26.02
N GLY A 213 -6.53 -13.56 -25.65
CA GLY A 213 -7.78 -12.97 -26.04
C GLY A 213 -9.00 -13.62 -25.40
N LYS A 214 -8.80 -14.56 -24.49
CA LYS A 214 -9.92 -15.24 -23.86
C LYS A 214 -10.04 -14.98 -22.35
N LEU A 215 -8.98 -15.27 -21.62
CA LEU A 215 -9.00 -15.12 -20.17
C LEU A 215 -8.83 -13.72 -19.62
N SER A 216 -9.07 -13.62 -18.32
CA SER A 216 -8.92 -12.37 -17.57
C SER A 216 -7.58 -12.45 -16.80
N PHE A 217 -7.13 -11.33 -16.26
CA PHE A 217 -5.87 -11.32 -15.53
C PHE A 217 -5.96 -12.24 -14.33
N ASP A 218 -7.15 -12.32 -13.74
CA ASP A 218 -7.38 -13.19 -12.59
C ASP A 218 -7.18 -14.66 -12.95
N ASP A 219 -7.74 -15.08 -14.10
CA ASP A 219 -7.63 -16.45 -14.59
C ASP A 219 -6.17 -16.84 -14.75
N VAL A 220 -5.41 -16.05 -15.50
CA VAL A 220 -4.01 -16.39 -15.71
C VAL A 220 -3.20 -16.30 -14.45
N PHE A 221 -3.57 -15.39 -13.57
CA PHE A 221 -2.83 -15.29 -12.32
C PHE A 221 -3.04 -16.54 -11.46
N GLU A 222 -4.28 -16.98 -11.35
CA GLU A 222 -4.57 -18.15 -10.55
C GLU A 222 -3.92 -19.40 -11.12
N ARG A 223 -3.83 -19.47 -12.44
CA ARG A 223 -3.22 -20.60 -13.12
C ARG A 223 -1.70 -20.63 -12.92
N GLU A 224 -1.04 -19.50 -13.16
CA GLU A 224 0.41 -19.40 -13.01
C GLU A 224 0.89 -19.32 -11.58
N TYR A 225 0.11 -18.70 -10.72
CA TYR A 225 0.51 -18.57 -9.33
C TYR A 225 0.63 -19.96 -8.69
N ALA A 226 -0.19 -20.90 -9.12
CA ALA A 226 -0.14 -22.26 -8.58
C ALA A 226 1.13 -23.01 -9.02
N ARG A 227 1.87 -22.43 -9.98
CA ARG A 227 3.12 -23.00 -10.49
C ARG A 227 4.32 -22.17 -10.04
N THR A 228 4.17 -21.44 -8.94
CA THR A 228 5.24 -20.58 -8.44
C THR A 228 5.58 -21.00 -7.00
N ILE A 229 6.82 -20.76 -6.59
CA ILE A 229 7.26 -21.13 -5.23
C ILE A 229 7.41 -19.87 -4.39
N VAL A 230 6.49 -19.68 -3.44
CA VAL A 230 6.54 -18.51 -2.56
C VAL A 230 6.66 -18.94 -1.11
N ARG A 231 7.12 -18.04 -0.26
CA ARG A 231 7.23 -18.34 1.16
C ARG A 231 6.38 -17.31 1.89
N LYS A 232 5.74 -17.71 2.98
CA LYS A 232 4.92 -16.77 3.75
C LYS A 232 5.79 -15.92 4.66
N PRO A 233 5.46 -14.62 4.79
CA PRO A 233 6.25 -13.74 5.64
C PRO A 233 5.96 -13.95 7.12
N THR A 234 6.99 -13.88 7.96
CA THR A 234 6.82 -14.05 9.38
C THR A 234 6.12 -12.82 9.93
N GLU A 235 5.61 -12.94 11.15
CA GLU A 235 4.94 -11.82 11.80
C GLU A 235 5.88 -10.65 11.93
N GLU A 236 7.12 -10.91 12.31
CA GLU A 236 8.05 -9.82 12.44
C GLU A 236 8.21 -9.08 11.12
N GLN A 237 8.47 -9.81 10.04
CA GLN A 237 8.64 -9.20 8.72
C GLN A 237 7.46 -8.30 8.42
N LYS A 238 6.25 -8.83 8.57
CA LYS A 238 5.05 -8.06 8.32
C LYS A 238 4.97 -6.80 9.19
N ARG A 239 5.41 -6.89 10.45
CA ARG A 239 5.39 -5.75 11.36
C ARG A 239 6.44 -4.69 11.06
N MET A 240 7.56 -5.08 10.45
CA MET A 240 8.61 -4.13 10.10
C MET A 240 8.18 -3.16 9.00
N LEU A 241 7.18 -3.54 8.22
CA LEU A 241 6.66 -2.67 7.16
C LEU A 241 5.67 -1.64 7.73
N LEU A 242 5.21 -1.84 8.97
CA LEU A 242 4.30 -0.90 9.61
C LEU A 242 5.10 0.36 9.94
N LEU A 243 4.41 1.49 10.04
CA LEU A 243 5.08 2.76 10.36
C LEU A 243 5.44 2.83 11.83
N PRO A 244 6.60 3.43 12.14
CA PRO A 244 7.06 3.58 13.51
C PRO A 244 6.78 4.98 14.06
N ALA A 245 6.02 5.06 15.15
CA ALA A 245 5.71 6.33 15.79
C ALA A 245 6.74 6.57 16.87
N GLU A 246 7.00 7.83 17.20
CA GLU A 246 7.96 8.12 18.25
C GLU A 246 7.44 7.58 19.56
N ALA A 247 8.35 7.17 20.43
CA ALA A 247 8.01 6.57 21.71
C ALA A 247 7.01 7.35 22.53
N VAL A 248 6.02 6.63 23.05
CA VAL A 248 4.97 7.21 23.88
C VAL A 248 5.13 6.60 25.26
N ASN A 249 4.68 7.32 26.27
CA ASN A 249 4.76 6.83 27.63
C ASN A 249 3.62 5.88 27.96
N VAL A 250 3.93 4.89 28.80
CA VAL A 250 2.96 3.92 29.25
C VAL A 250 2.69 4.22 30.72
N SER A 251 1.42 4.37 31.10
CA SER A 251 1.05 4.64 32.47
C SER A 251 1.23 3.35 33.29
N ARG A 252 0.99 3.41 34.59
CA ARG A 252 1.15 2.24 35.45
C ARG A 252 0.13 1.16 35.09
N LYS A 253 -1.00 1.58 34.53
CA LYS A 253 -2.09 0.71 34.13
C LYS A 253 -1.82 -0.07 32.86
N GLY A 254 -0.74 0.27 32.15
CA GLY A 254 -0.42 -0.42 30.91
C GLY A 254 -1.19 0.12 29.71
N GLU A 255 -1.43 1.42 29.73
CA GLU A 255 -2.16 2.12 28.68
C GLU A 255 -1.35 3.32 28.21
N PHE A 256 -1.52 3.68 26.94
CA PHE A 256 -0.83 4.84 26.38
C PHE A 256 -1.79 5.45 25.39
N THR A 257 -1.48 6.67 24.98
CA THR A 257 -2.37 7.39 24.09
C THR A 257 -1.67 7.93 22.86
N LEU A 258 -2.45 7.98 21.77
CA LEU A 258 -2.00 8.54 20.53
C LEU A 258 -3.09 9.51 20.16
N LYS A 259 -2.69 10.75 19.93
CA LYS A 259 -3.60 11.79 19.53
C LYS A 259 -3.57 11.79 18.01
N VAL A 260 -4.53 11.08 17.44
CA VAL A 260 -4.66 10.89 16.01
C VAL A 260 -5.20 12.11 15.32
N GLY A 261 -4.69 12.41 14.13
CA GLY A 261 -5.17 13.57 13.40
C GLY A 261 -4.52 13.74 12.06
N GLY A 262 -4.23 14.99 11.69
CA GLY A 262 -3.60 15.27 10.40
C GLY A 262 -4.48 14.87 9.23
N SER A 263 -4.05 13.87 8.47
CA SER A 263 -4.84 13.41 7.33
C SER A 263 -5.95 12.44 7.76
N LEU A 264 -5.85 11.96 9.01
CA LEU A 264 -6.82 11.02 9.56
C LEU A 264 -7.85 11.75 10.40
N LYS A 265 -8.98 11.10 10.65
CA LYS A 265 -10.03 11.68 11.46
C LYS A 265 -9.45 11.89 12.84
N GLY A 266 -9.65 13.07 13.40
CA GLY A 266 -9.15 13.37 14.73
C GLY A 266 -9.73 12.46 15.79
N ALA A 267 -8.90 12.07 16.74
CA ALA A 267 -9.32 11.20 17.81
C ALA A 267 -8.19 11.11 18.80
N LYS A 268 -8.55 10.86 20.06
CA LYS A 268 -7.59 10.71 21.13
C LYS A 268 -7.75 9.22 21.47
N ASN A 269 -6.96 8.38 20.80
CA ASN A 269 -7.02 6.95 21.00
C ASN A 269 -6.20 6.47 22.20
N VAL A 270 -6.80 5.60 23.01
CA VAL A 270 -6.11 5.05 24.18
C VAL A 270 -5.97 3.54 23.98
N TYR A 271 -4.76 3.02 24.04
CA TYR A 271 -4.54 1.58 23.85
C TYR A 271 -4.14 0.90 25.16
N TYR A 272 -4.29 -0.42 25.18
CA TYR A 272 -4.02 -1.20 26.37
C TYR A 272 -3.60 -2.64 26.11
N ASN A 273 -2.87 -3.18 27.09
CA ASN A 273 -2.43 -4.58 27.12
C ASN A 273 -1.84 -4.81 28.50
N MET A 274 -2.24 -5.91 29.13
CA MET A 274 -1.79 -6.28 30.47
C MET A 274 -0.28 -6.43 30.54
N ALA A 275 0.27 -7.05 29.51
CA ALA A 275 1.70 -7.30 29.44
C ALA A 275 2.50 -6.02 29.61
N LEU A 276 1.86 -4.87 29.33
CA LEU A 276 2.55 -3.59 29.44
C LEU A 276 2.77 -3.13 30.88
N MET A 277 1.85 -3.47 31.78
CA MET A 277 2.01 -3.05 33.17
C MET A 277 2.81 -4.12 33.91
N ASN A 278 2.42 -5.37 33.67
CA ASN A 278 3.02 -6.55 34.28
C ASN A 278 4.33 -6.88 33.55
N ALA A 279 5.17 -5.87 33.38
CA ALA A 279 6.47 -6.00 32.72
C ALA A 279 7.24 -4.71 33.02
N GLY A 280 8.42 -4.56 32.40
CA GLY A 280 9.21 -3.38 32.65
C GLY A 280 9.41 -2.46 31.45
N VAL A 281 8.70 -1.32 31.45
CA VAL A 281 8.77 -0.29 30.40
C VAL A 281 8.08 0.98 30.84
N LYS A 282 8.62 2.11 30.40
CA LYS A 282 8.02 3.40 30.71
C LYS A 282 7.64 4.09 29.38
N LYS A 283 8.40 3.76 28.35
CA LYS A 283 8.20 4.28 27.00
C LYS A 283 8.11 3.08 26.07
N VAL A 284 7.42 3.24 24.96
CA VAL A 284 7.26 2.16 24.03
C VAL A 284 7.13 2.76 22.63
N VAL A 285 7.72 2.10 21.64
CA VAL A 285 7.61 2.55 20.24
C VAL A 285 6.46 1.76 19.61
N VAL A 286 5.56 2.48 18.95
CA VAL A 286 4.37 1.89 18.33
C VAL A 286 4.47 1.76 16.82
N ARG A 287 4.21 0.55 16.32
CA ARG A 287 4.20 0.25 14.89
C ARG A 287 2.72 0.15 14.56
N PHE A 288 2.29 0.74 13.46
CA PHE A 288 0.87 0.76 13.13
C PHE A 288 0.61 0.89 11.63
N ASP A 289 -0.63 0.61 11.26
CA ASP A 289 -1.12 0.76 9.90
C ASP A 289 -2.16 1.87 10.11
N PRO A 290 -2.04 2.99 9.37
CA PRO A 290 -3.00 4.10 9.51
C PRO A 290 -4.45 3.60 9.46
N GLN A 291 -4.69 2.62 8.60
CA GLN A 291 -6.01 2.01 8.41
C GLN A 291 -6.50 1.20 9.61
N GLN A 292 -5.58 0.72 10.45
CA GLN A 292 -5.95 -0.08 11.62
C GLN A 292 -5.71 0.60 12.95
N LEU A 293 -5.45 1.89 12.93
CA LEU A 293 -5.20 2.63 14.15
C LEU A 293 -6.35 2.44 15.14
N HIS A 294 -7.55 2.26 14.60
CA HIS A 294 -8.76 2.09 15.43
C HIS A 294 -8.83 0.77 16.16
N SER A 295 -7.96 -0.19 15.83
CA SER A 295 -8.02 -1.46 16.51
C SER A 295 -6.74 -2.01 17.13
N THR A 296 -5.76 -2.38 16.31
CA THR A 296 -4.54 -2.99 16.84
C THR A 296 -3.19 -2.41 16.38
N VAL A 297 -2.33 -2.08 17.36
CA VAL A 297 -0.99 -1.54 17.12
C VAL A 297 0.01 -2.48 17.80
N TYR A 298 1.30 -2.35 17.48
CA TYR A 298 2.30 -3.23 18.05
C TYR A 298 3.35 -2.47 18.79
N CYS A 299 3.53 -2.84 20.05
CA CYS A 299 4.48 -2.19 20.92
C CYS A 299 5.85 -2.84 20.92
N TYR A 300 6.86 -1.98 20.83
CA TYR A 300 8.28 -2.36 20.81
C TYR A 300 9.07 -1.56 21.88
N THR A 301 10.17 -2.13 22.37
CA THR A 301 11.02 -1.41 23.34
C THR A 301 11.77 -0.38 22.53
N LEU A 302 12.35 0.60 23.21
CA LEU A 302 13.11 1.63 22.52
C LEU A 302 14.25 1.02 21.72
N ASP A 303 14.71 -0.16 22.11
CA ASP A 303 15.79 -0.82 21.38
C ASP A 303 15.31 -1.79 20.30
N GLY A 304 14.00 -1.82 20.05
CA GLY A 304 13.45 -2.67 19.02
C GLY A 304 12.88 -4.04 19.35
N ARG A 305 12.89 -4.47 20.61
CA ARG A 305 12.34 -5.77 20.92
C ARG A 305 10.82 -5.69 20.99
N PHE A 306 10.15 -6.58 20.26
CA PHE A 306 8.70 -6.61 20.24
C PHE A 306 8.24 -6.94 21.63
N ILE A 307 7.25 -6.22 22.15
CA ILE A 307 6.71 -6.49 23.48
C ILE A 307 5.36 -7.22 23.40
N CYS A 308 4.42 -6.62 22.69
CA CYS A 308 3.08 -7.17 22.53
C CYS A 308 2.29 -6.25 21.60
N GLU A 309 1.03 -6.60 21.36
CA GLU A 309 0.18 -5.75 20.53
C GLU A 309 -0.83 -5.11 21.48
N ALA A 310 -1.38 -3.97 21.12
CA ALA A 310 -2.35 -3.32 21.99
C ALA A 310 -3.65 -3.04 21.26
N GLU A 311 -4.74 -3.13 22.01
CA GLU A 311 -6.08 -2.92 21.46
C GLU A 311 -6.55 -1.52 21.81
N CYS A 312 -7.25 -0.90 20.88
CA CYS A 312 -7.78 0.43 21.09
C CYS A 312 -8.95 0.23 22.03
N LEU A 313 -8.93 0.91 23.18
CA LEU A 313 -10.00 0.80 24.17
C LEU A 313 -11.36 1.38 23.75
#